data_4MX7
#
_entry.id   4MX7
#
_cell.length_a   42.200
_cell.length_b   106.300
_cell.length_c   107.480
_cell.angle_alpha   90.00
_cell.angle_beta   90.00
_cell.angle_gamma   90.00
#
_symmetry.space_group_name_H-M   'P 21 21 21'
#
loop_
_entity.id
_entity.type
_entity.pdbx_description
1 polymer 'Antigen-presenting glycoprotein CD1d1'
2 polymer Beta-2-microglobulin
3 branched 2-acetamido-2-deoxy-beta-D-glucopyranose-(1-4)-2-acetamido-2-deoxy-beta-D-glucopyranose
4 non-polymer 2-acetamido-2-deoxy-beta-D-glucopyranose
5 non-polymer "(2R)-3-(phosphonooxy)propane-1,2-diyl (9Z,9'Z)bis-octadec-9-enoate"
6 water water
#
loop_
_entity_poly.entity_id
_entity_poly.type
_entity_poly.pdbx_seq_one_letter_code
_entity_poly.pdbx_strand_id
1 'polypeptide(L)'
;SEAQQKNYTFRCLQMSSFANRSWSRTDSVVWLGDLQTHRWSNDSATISFTKPWSQGKLSNQQWEKLQHMFQVYRVSFTRD
IQELVKMMSPKEDYPIEIQLSAGCEMYPGNASESFLHVAFQGKYVVRFWGTSWQTVPGAPSWLDLPIKVLNADQGTSATV
QMLLNDTCPLFVRGLLEAGKSDLEKQEKPVAWLSSVPSSADGHRQLVCHVSGFYPKPVWVMWMRGDQEQQGTHRGDFLPN
ADETWYLQATLDVEAGEEAGLACRVKHSSLGGQDIILYWHHHHHH
;
A
2 'polypeptide(L)'
;IQKTPQIQVYSRHPPENGKPNILNCYVTQFHPPHIEIQMLKNGKKIPKVEMSDMSFSKDWSFYILAHTEFTPTETDTYAC
RVKHASMAEPKTVYWDRDM
;
B
#
# COMPACT_ATOMS: atom_id res chain seq x y z
N ASN A 7 14.35 -10.94 -6.49
CA ASN A 7 14.37 -10.78 -5.00
C ASN A 7 13.56 -9.57 -4.46
N TYR A 8 14.13 -8.36 -4.48
CA TYR A 8 13.45 -7.17 -3.89
C TYR A 8 13.14 -6.04 -4.86
N THR A 9 11.92 -5.50 -4.78
CA THR A 9 11.52 -4.31 -5.54
C THR A 9 11.61 -3.03 -4.71
N PHE A 10 12.38 -2.05 -5.18
CA PHE A 10 12.49 -0.73 -4.54
C PHE A 10 11.67 0.29 -5.33
N ARG A 11 10.68 0.91 -4.69
CA ARG A 11 9.83 1.89 -5.37
C ARG A 11 9.67 3.18 -4.57
N CYS A 12 9.95 4.28 -5.25
CA CYS A 12 9.70 5.62 -4.77
C CYS A 12 8.41 6.10 -5.39
N LEU A 13 7.44 6.42 -4.54
CA LEU A 13 6.09 6.76 -4.97
C LEU A 13 5.81 8.23 -4.71
N GLN A 14 5.48 8.95 -5.79
CA GLN A 14 5.14 10.35 -5.69
C GLN A 14 3.67 10.53 -5.99
N MET A 15 3.00 11.30 -5.14
CA MET A 15 1.57 11.62 -5.29
C MET A 15 1.39 13.13 -5.24
N SER A 16 1.04 13.73 -6.37
CA SER A 16 0.85 15.18 -6.50
C SER A 16 -0.58 15.53 -6.86
N SER A 17 -1.18 16.42 -6.09
CA SER A 17 -2.54 16.85 -6.33
C SER A 17 -2.60 18.36 -6.56
N PHE A 18 -3.24 18.72 -7.66
CA PHE A 18 -3.47 20.12 -8.03
C PHE A 18 -4.97 20.39 -8.06
N ALA A 19 -5.47 21.24 -7.17
CA ALA A 19 -6.90 21.56 -7.14
C ALA A 19 -7.22 22.89 -7.83
N ASN A 20 -6.28 23.83 -7.77
CA ASN A 20 -6.37 25.10 -8.52
C ASN A 20 -5.01 25.74 -8.71
N ARG A 21 -5.03 26.97 -9.25
CA ARG A 21 -3.83 27.80 -9.42
C ARG A 21 -3.07 28.03 -8.10
N SER A 22 -3.80 28.03 -6.97
CA SER A 22 -3.18 28.30 -5.66
C SER A 22 -3.22 27.15 -4.63
N TRP A 23 -3.59 25.93 -5.03
CA TRP A 23 -3.55 24.79 -4.12
C TRP A 23 -2.97 23.57 -4.79
N SER A 24 -1.84 23.10 -4.29
CA SER A 24 -1.29 21.80 -4.67
C SER A 24 -0.52 21.17 -3.51
N ARG A 25 -0.42 19.84 -3.50
CA ARG A 25 0.48 19.19 -2.57
C ARG A 25 1.13 17.99 -3.21
N THR A 26 2.35 17.72 -2.79
CA THR A 26 3.09 16.58 -3.30
C THR A 26 3.63 15.82 -2.11
N ASP A 27 3.32 14.52 -2.07
CA ASP A 27 3.70 13.67 -0.95
C ASP A 27 4.35 12.42 -1.52
N SER A 28 5.44 11.98 -0.93
CA SER A 28 6.10 10.78 -1.40
C SER A 28 6.27 9.76 -0.29
N VAL A 29 6.34 8.49 -0.68
CA VAL A 29 6.72 7.41 0.20
C VAL A 29 7.69 6.52 -0.55
N VAL A 30 8.52 5.81 0.18
CA VAL A 30 9.48 4.90 -0.42
C VAL A 30 9.37 3.52 0.24
N TRP A 31 9.37 2.47 -0.58
CA TRP A 31 9.27 1.11 -0.08
C TRP A 31 10.41 0.28 -0.56
N LEU A 32 10.89 -0.59 0.31
CA LEU A 32 11.79 -1.68 -0.06
C LEU A 32 11.05 -2.97 0.22
N GLY A 33 10.68 -3.68 -0.84
CA GLY A 33 9.70 -4.77 -0.74
C GLY A 33 8.44 -4.20 -0.12
N ASP A 34 8.00 -4.82 0.98
CA ASP A 34 6.80 -4.36 1.70
C ASP A 34 7.11 -3.55 3.00
N LEU A 35 8.35 -3.12 3.14
CA LEU A 35 8.73 -2.32 4.30
C LEU A 35 8.93 -0.88 3.87
N GLN A 36 8.30 0.05 4.59
CA GLN A 36 8.46 1.46 4.29
C GLN A 36 9.79 1.96 4.84
N THR A 37 10.54 2.67 3.99
CA THR A 37 11.85 3.19 4.36
C THR A 37 11.87 4.71 4.50
N HIS A 38 11.01 5.40 3.74
CA HIS A 38 10.97 6.85 3.77
C HIS A 38 9.57 7.38 3.65
N ARG A 39 9.39 8.61 4.10
CA ARG A 39 8.21 9.41 3.77
C ARG A 39 8.68 10.85 3.55
N TRP A 40 8.03 11.52 2.60
CA TRP A 40 8.32 12.92 2.37
C TRP A 40 7.04 13.69 2.19
N SER A 41 6.55 14.23 3.29
CA SER A 41 5.31 14.98 3.30
C SER A 41 5.50 16.34 2.63
N ASN A 42 4.41 16.87 2.07
CA ASN A 42 4.42 18.23 1.52
C ASN A 42 4.84 19.23 2.60
N ASP A 43 4.47 18.93 3.85
CA ASP A 43 4.67 19.82 5.01
C ASP A 43 6.14 20.00 5.39
N SER A 44 6.97 19.05 5.01
CA SER A 44 8.34 18.98 5.51
C SER A 44 9.39 19.32 4.42
N ALA A 45 10.42 20.07 4.80
CA ALA A 45 11.52 20.41 3.90
C ALA A 45 12.41 19.19 3.60
N THR A 46 12.53 18.31 4.58
CA THR A 46 13.46 17.20 4.47
C THR A 46 12.71 15.86 4.37
N ILE A 47 13.38 14.87 3.80
CA ILE A 47 12.88 13.50 3.67
C ILE A 47 13.05 12.80 5.03
N SER A 48 12.03 12.08 5.49
CA SER A 48 12.10 11.41 6.81
C SER A 48 12.40 9.93 6.65
N PHE A 49 13.30 9.43 7.49
CA PHE A 49 13.57 8.01 7.56
C PHE A 49 12.49 7.37 8.41
N THR A 50 11.99 6.21 7.99
CA THR A 50 11.03 5.48 8.82
C THR A 50 11.68 4.17 9.31
N LYS A 51 13.00 4.05 9.08
CA LYS A 51 13.78 2.95 9.66
C LYS A 51 15.08 3.53 10.15
N PRO A 52 15.73 2.87 11.14
CA PRO A 52 17.07 3.29 11.54
C PRO A 52 18.07 3.23 10.39
N TRP A 53 17.81 2.40 9.39
CA TRP A 53 18.79 2.12 8.33
C TRP A 53 18.44 2.72 7.00
N SER A 54 17.54 3.70 7.01
CA SER A 54 16.98 4.28 5.77
C SER A 54 17.96 5.09 4.94
N GLN A 55 19.11 5.41 5.54
CA GLN A 55 20.16 6.07 4.82
C GLN A 55 21.09 5.06 4.13
N GLY A 56 20.80 3.77 4.32
CA GLY A 56 21.60 2.69 3.74
C GLY A 56 23.07 2.87 4.08
N LYS A 57 23.94 2.68 3.09
CA LYS A 57 25.37 2.85 3.28
C LYS A 57 25.87 4.16 2.64
N LEU A 58 24.99 5.14 2.44
CA LEU A 58 25.47 6.43 1.92
C LEU A 58 25.98 7.30 3.07
N SER A 59 27.09 8.00 2.82
CA SER A 59 27.59 9.00 3.76
C SER A 59 26.57 10.14 3.97
N ASN A 60 26.79 10.94 5.03
CA ASN A 60 25.98 12.12 5.26
C ASN A 60 26.02 13.08 4.08
N GLN A 61 27.21 13.30 3.52
CA GLN A 61 27.38 14.09 2.29
C GLN A 61 26.63 13.54 1.07
N GLN A 62 26.77 12.26 0.75
CA GLN A 62 26.04 11.72 -0.43
C GLN A 62 24.52 11.83 -0.22
N TRP A 63 24.06 11.59 1.01
CA TRP A 63 22.62 11.73 1.30
C TRP A 63 22.13 13.16 1.09
N GLU A 64 22.94 14.13 1.52
CA GLU A 64 22.63 15.56 1.40
C GLU A 64 22.49 16.04 -0.04
N LYS A 65 23.51 15.74 -0.86
CA LYS A 65 23.45 15.93 -2.31
C LYS A 65 22.13 15.36 -2.85
N LEU A 66 21.88 14.08 -2.57
CA LEU A 66 20.71 13.40 -3.09
C LEU A 66 19.42 14.14 -2.67
N GLN A 67 19.29 14.41 -1.37
CA GLN A 67 18.14 15.15 -0.87
C GLN A 67 18.06 16.56 -1.46
N HIS A 68 19.20 17.25 -1.57
CA HIS A 68 19.17 18.57 -2.15
C HIS A 68 18.60 18.55 -3.54
N MET A 69 19.04 17.60 -4.36
CA MET A 69 18.51 17.41 -5.70
C MET A 69 16.99 17.18 -5.72
N PHE A 70 16.50 16.38 -4.78
CA PHE A 70 15.05 16.17 -4.69
C PHE A 70 14.28 17.38 -4.20
N GLN A 71 14.85 18.17 -3.30
CA GLN A 71 14.18 19.40 -2.90
C GLN A 71 14.02 20.38 -4.05
N VAL A 72 15.05 20.50 -4.88
CA VAL A 72 14.99 21.34 -6.09
C VAL A 72 13.95 20.78 -7.07
N TYR A 73 14.05 19.49 -7.37
CA TYR A 73 13.05 18.80 -8.17
C TYR A 73 11.58 19.04 -7.71
N ARG A 74 11.28 18.84 -6.43
CA ARG A 74 9.90 18.99 -5.97
C ARG A 74 9.33 20.36 -6.34
N VAL A 75 10.12 21.41 -6.16
CA VAL A 75 9.71 22.78 -6.47
C VAL A 75 9.54 23.03 -7.98
N SER A 76 10.48 22.48 -8.76
CA SER A 76 10.48 22.62 -10.23
C SER A 76 9.30 21.86 -10.84
N PHE A 77 9.07 20.64 -10.33
CA PHE A 77 7.93 19.82 -10.78
C PHE A 77 6.60 20.56 -10.64
N THR A 78 6.36 21.14 -9.46
CA THR A 78 5.09 21.84 -9.15
C THR A 78 4.91 23.06 -10.07
N ARG A 79 5.96 23.87 -10.19
CA ARG A 79 5.95 25.01 -11.09
C ARG A 79 5.61 24.59 -12.53
N ASP A 80 6.36 23.63 -13.06
CA ASP A 80 6.18 23.17 -14.46
C ASP A 80 4.77 22.64 -14.76
N ILE A 81 4.17 21.90 -13.82
CA ILE A 81 2.80 21.43 -13.99
C ILE A 81 1.79 22.56 -13.99
N GLN A 82 1.94 23.51 -13.06
CA GLN A 82 1.04 24.70 -13.02
C GLN A 82 1.09 25.46 -14.34
N GLU A 83 2.30 25.69 -14.86
CA GLU A 83 2.51 26.33 -16.16
C GLU A 83 1.90 25.52 -17.30
N LEU A 84 1.92 24.20 -17.18
CA LEU A 84 1.37 23.33 -18.20
C LEU A 84 -0.15 23.44 -18.26
N VAL A 85 -0.79 23.41 -17.10
CA VAL A 85 -2.25 23.63 -16.94
C VAL A 85 -2.71 25.01 -17.46
N LYS A 86 -1.88 26.03 -17.25
CA LYS A 86 -2.19 27.39 -17.69
C LYS A 86 -2.27 27.41 -19.20
N MET A 87 -1.48 26.56 -19.85
CA MET A 87 -1.41 26.49 -21.31
C MET A 87 -2.51 25.60 -21.89
N MET A 88 -2.65 24.39 -21.35
CA MET A 88 -3.65 23.41 -21.82
C MET A 88 -5.10 23.88 -21.71
N SER A 89 -5.43 24.51 -20.57
CA SER A 89 -6.78 24.98 -20.26
C SER A 89 -7.41 25.78 -21.42
N PRO A 90 -8.70 25.51 -21.76
CA PRO A 90 -9.64 24.63 -21.07
C PRO A 90 -9.56 23.13 -21.46
N LYS A 91 -8.80 22.79 -22.50
CA LYS A 91 -8.61 21.40 -22.94
C LYS A 91 -8.47 20.42 -21.76
N GLU A 92 -7.47 20.64 -20.90
CA GLU A 92 -7.34 19.94 -19.62
C GLU A 92 -7.41 20.94 -18.48
N ASP A 93 -8.18 20.61 -17.44
CA ASP A 93 -8.19 21.46 -16.27
C ASP A 93 -8.27 20.72 -14.93
N TYR A 94 -8.39 21.50 -13.87
CA TYR A 94 -8.46 21.02 -12.52
C TYR A 94 -9.73 20.21 -12.27
N PRO A 95 -9.72 19.28 -11.30
CA PRO A 95 -8.56 18.87 -10.49
C PRO A 95 -7.61 17.97 -11.26
N ILE A 96 -6.33 17.99 -10.88
CA ILE A 96 -5.32 17.17 -11.55
C ILE A 96 -4.52 16.28 -10.59
N GLU A 97 -4.39 15.01 -10.97
CA GLU A 97 -3.68 14.02 -10.17
C GLU A 97 -2.54 13.43 -10.99
N ILE A 98 -1.32 13.50 -10.45
CA ILE A 98 -0.17 12.88 -11.08
C ILE A 98 0.55 11.98 -10.07
N GLN A 99 0.91 10.78 -10.53
CA GLN A 99 1.62 9.82 -9.71
C GLN A 99 2.88 9.46 -10.46
N LEU A 100 3.98 9.31 -9.72
CA LEU A 100 5.22 8.79 -10.28
C LEU A 100 5.64 7.60 -9.47
N SER A 101 6.12 6.57 -10.16
CA SER A 101 6.63 5.36 -9.52
C SER A 101 7.96 5.08 -10.16
N ALA A 102 9.02 5.26 -9.37
CA ALA A 102 10.37 5.13 -9.88
C ALA A 102 11.15 4.25 -8.93
N GLY A 103 11.97 3.37 -9.46
CA GLY A 103 12.84 2.56 -8.65
C GLY A 103 13.61 1.53 -9.43
N CYS A 104 13.96 0.44 -8.74
CA CYS A 104 14.62 -0.69 -9.39
C CYS A 104 14.23 -2.01 -8.73
N GLU A 105 14.41 -3.09 -9.48
CA GLU A 105 14.14 -4.43 -8.98
C GLU A 105 15.44 -5.23 -8.99
N MET A 106 15.79 -5.82 -7.85
CA MET A 106 17.03 -6.59 -7.74
C MET A 106 16.84 -8.06 -8.12
N TYR A 107 17.74 -8.57 -8.97
CA TYR A 107 17.72 -9.98 -9.41
C TYR A 107 18.91 -10.77 -8.87
N PRO A 108 18.82 -12.13 -8.90
CA PRO A 108 19.77 -13.07 -8.28
C PRO A 108 21.27 -12.67 -8.26
N GLY A 109 21.98 -12.87 -9.38
CA GLY A 109 23.42 -12.66 -9.45
C GLY A 109 23.83 -11.21 -9.67
N ASN A 110 23.44 -10.34 -8.73
CA ASN A 110 23.79 -8.91 -8.75
C ASN A 110 23.14 -8.08 -9.87
N ALA A 111 22.19 -8.69 -10.59
CA ALA A 111 21.52 -8.01 -11.70
C ALA A 111 20.49 -7.00 -11.19
N SER A 112 20.14 -6.05 -12.07
CA SER A 112 19.32 -4.88 -11.73
C SER A 112 18.53 -4.37 -12.94
N GLU A 113 17.24 -4.08 -12.71
CA GLU A 113 16.41 -3.41 -13.71
C GLU A 113 15.75 -2.19 -13.07
N SER A 114 15.89 -1.02 -13.71
CA SER A 114 15.25 0.19 -13.21
C SER A 114 14.01 0.56 -14.00
N PHE A 115 13.18 1.40 -13.40
CA PHE A 115 11.96 1.86 -14.05
C PHE A 115 11.56 3.26 -13.54
N LEU A 116 10.78 3.96 -14.36
CA LEU A 116 10.21 5.25 -13.98
C LEU A 116 8.92 5.45 -14.78
N HIS A 117 7.79 5.39 -14.08
CA HIS A 117 6.47 5.48 -14.71
C HIS A 117 5.66 6.61 -14.16
N VAL A 118 4.80 7.18 -15.01
CA VAL A 118 4.01 8.35 -14.66
C VAL A 118 2.57 8.12 -15.07
N ALA A 119 1.66 8.32 -14.13
CA ALA A 119 0.25 8.26 -14.43
C ALA A 119 -0.33 9.64 -14.27
N PHE A 120 -1.26 9.99 -15.17
CA PHE A 120 -2.04 11.24 -15.11
C PHE A 120 -3.51 10.86 -14.97
N GLN A 121 -4.18 11.48 -14.00
CA GLN A 121 -5.55 11.17 -13.65
C GLN A 121 -5.75 9.67 -13.40
N GLY A 122 -4.75 9.02 -12.79
CA GLY A 122 -4.89 7.62 -12.39
C GLY A 122 -4.58 6.61 -13.48
N LYS A 123 -4.04 7.09 -14.61
CA LYS A 123 -3.78 6.24 -15.76
C LYS A 123 -2.35 6.43 -16.34
N TYR A 124 -1.63 5.32 -16.48
CA TYR A 124 -0.27 5.26 -17.00
C TYR A 124 -0.16 5.95 -18.36
N VAL A 125 0.72 6.95 -18.47
CA VAL A 125 0.86 7.76 -19.69
C VAL A 125 2.28 7.97 -20.19
N VAL A 126 3.24 8.06 -19.29
CA VAL A 126 4.63 8.36 -19.65
C VAL A 126 5.57 7.45 -18.87
N ARG A 127 6.69 7.07 -19.51
CA ARG A 127 7.79 6.39 -18.84
C ARG A 127 9.13 7.02 -19.23
N PHE A 128 10.15 6.90 -18.37
CA PHE A 128 11.49 7.24 -18.83
C PHE A 128 12.10 5.95 -19.32
N TRP A 129 12.77 5.98 -20.45
CA TRP A 129 13.29 4.75 -21.03
C TRP A 129 14.53 5.01 -21.77
N GLY A 130 15.61 4.41 -21.30
CA GLY A 130 16.93 4.55 -21.91
C GLY A 130 17.55 5.91 -21.65
N THR A 131 17.40 6.80 -22.62
CA THR A 131 17.99 8.14 -22.56
C THR A 131 16.93 9.26 -22.63
N SER A 132 15.63 8.91 -22.63
CA SER A 132 14.57 9.90 -22.89
C SER A 132 13.20 9.51 -22.36
N TRP A 133 12.32 10.51 -22.20
CA TRP A 133 10.92 10.25 -21.87
C TRP A 133 10.15 9.89 -23.09
N GLN A 134 9.11 9.09 -22.91
CA GLN A 134 8.19 8.75 -23.99
C GLN A 134 6.76 8.52 -23.51
N THR A 135 5.81 8.92 -24.33
CA THR A 135 4.41 8.64 -24.09
C THR A 135 4.20 7.17 -24.48
N VAL A 136 3.39 6.46 -23.71
CA VAL A 136 3.04 5.06 -24.03
C VAL A 136 1.93 4.99 -25.08
N PRO A 137 1.87 3.90 -25.88
CA PRO A 137 0.83 3.92 -26.92
C PRO A 137 -0.57 4.13 -26.33
N GLY A 138 -1.36 5.00 -26.95
CA GLY A 138 -2.70 5.28 -26.46
C GLY A 138 -2.79 6.44 -25.47
N ALA A 139 -1.67 6.97 -25.02
CA ALA A 139 -1.68 8.22 -24.27
C ALA A 139 -2.18 9.39 -25.15
N PRO A 140 -2.80 10.40 -24.52
CA PRO A 140 -3.38 11.48 -25.35
C PRO A 140 -2.31 12.25 -26.11
N SER A 141 -2.65 12.71 -27.31
CA SER A 141 -1.66 13.31 -28.21
C SER A 141 -1.16 14.68 -27.77
N TRP A 142 -1.91 15.39 -26.93
CA TRP A 142 -1.49 16.72 -26.45
C TRP A 142 -0.27 16.65 -25.56
N LEU A 143 0.06 15.44 -25.11
CA LEU A 143 1.26 15.18 -24.33
C LEU A 143 2.54 15.10 -25.17
N ASP A 144 2.43 14.98 -26.48
CA ASP A 144 3.61 14.83 -27.35
C ASP A 144 4.52 16.06 -27.29
N LEU A 145 3.92 17.25 -27.31
CA LEU A 145 4.67 18.52 -27.30
C LEU A 145 5.41 18.79 -25.95
N PRO A 146 4.69 18.75 -24.81
CA PRO A 146 5.39 18.92 -23.52
C PRO A 146 6.53 17.93 -23.29
N ILE A 147 6.36 16.70 -23.76
CA ILE A 147 7.37 15.66 -23.60
C ILE A 147 8.59 15.95 -24.48
N LYS A 148 8.36 16.44 -25.67
CA LYS A 148 9.44 16.89 -26.53
C LYS A 148 10.22 18.03 -25.85
N VAL A 149 9.48 18.97 -25.27
CA VAL A 149 10.06 20.12 -24.56
C VAL A 149 10.91 19.60 -23.39
N LEU A 150 10.32 18.73 -22.57
CA LEU A 150 11.06 18.07 -21.50
C LEU A 150 12.28 17.27 -21.98
N ASN A 151 12.17 16.60 -23.12
CA ASN A 151 13.31 15.89 -23.72
C ASN A 151 14.45 16.79 -24.20
N ALA A 152 14.15 18.06 -24.49
CA ALA A 152 15.19 19.04 -24.90
C ALA A 152 16.11 19.45 -23.74
N ASP A 153 15.65 19.20 -22.52
CA ASP A 153 16.41 19.50 -21.31
C ASP A 153 17.37 18.34 -21.07
N GLN A 154 18.56 18.43 -21.65
CA GLN A 154 19.52 17.32 -21.61
C GLN A 154 20.16 17.06 -20.22
N GLY A 155 20.27 18.09 -19.39
CA GLY A 155 20.80 17.98 -18.02
C GLY A 155 19.85 17.18 -17.14
N THR A 156 18.56 17.41 -17.31
CA THR A 156 17.55 16.59 -16.62
C THR A 156 17.60 15.12 -17.09
N SER A 157 17.65 14.91 -18.40
CA SER A 157 17.82 13.58 -18.97
C SER A 157 19.06 12.84 -18.41
N ALA A 158 20.21 13.54 -18.34
CA ALA A 158 21.42 12.95 -17.74
C ALA A 158 21.25 12.61 -16.26
N THR A 159 20.61 13.50 -15.51
CA THR A 159 20.42 13.26 -14.09
C THR A 159 19.53 12.02 -13.86
N VAL A 160 18.42 11.94 -14.59
CA VAL A 160 17.55 10.78 -14.47
C VAL A 160 18.25 9.47 -14.82
N GLN A 161 19.02 9.47 -15.92
CA GLN A 161 19.78 8.28 -16.32
C GLN A 161 20.74 7.88 -15.21
N MET A 162 21.44 8.84 -14.62
CA MET A 162 22.33 8.55 -13.53
C MET A 162 21.62 7.96 -12.28
N LEU A 163 20.43 8.48 -11.97
CA LEU A 163 19.69 7.96 -10.81
C LEU A 163 19.17 6.54 -11.04
N LEU A 164 18.69 6.24 -12.25
CA LEU A 164 18.16 4.92 -12.55
C LEU A 164 19.24 3.87 -12.78
N ASN A 165 20.28 4.25 -13.54
CA ASN A 165 21.34 3.33 -13.95
C ASN A 165 22.32 3.02 -12.83
N ASP A 166 22.62 4.02 -12.00
CA ASP A 166 23.71 3.92 -11.05
C ASP A 166 23.28 4.09 -9.60
N THR A 167 22.62 5.21 -9.30
CA THR A 167 22.26 5.55 -7.92
C THR A 167 21.27 4.56 -7.28
N CYS A 168 20.25 4.13 -8.03
CA CYS A 168 19.21 3.25 -7.50
C CYS A 168 19.78 1.92 -7.04
N PRO A 169 20.44 1.16 -7.94
CA PRO A 169 20.97 -0.12 -7.48
C PRO A 169 22.02 0.04 -6.38
N LEU A 170 22.81 1.12 -6.43
CA LEU A 170 23.86 1.35 -5.43
C LEU A 170 23.25 1.61 -4.07
N PHE A 171 22.21 2.45 -4.06
CA PHE A 171 21.49 2.75 -2.85
C PHE A 171 20.87 1.50 -2.25
N VAL A 172 20.20 0.70 -3.08
CA VAL A 172 19.52 -0.52 -2.64
C VAL A 172 20.44 -1.59 -2.02
N ARG A 173 21.61 -1.86 -2.62
CA ARG A 173 22.53 -2.82 -1.99
C ARG A 173 22.87 -2.39 -0.56
N GLY A 174 23.01 -1.09 -0.36
CA GLY A 174 23.30 -0.54 0.96
C GLY A 174 22.16 -0.77 1.94
N LEU A 175 20.94 -0.46 1.50
CA LEU A 175 19.74 -0.71 2.31
C LEU A 175 19.57 -2.18 2.68
N LEU A 176 19.78 -3.07 1.70
CA LEU A 176 19.69 -4.52 1.90
C LEU A 176 20.66 -5.00 2.97
N GLU A 177 21.91 -4.58 2.87
CA GLU A 177 22.92 -4.84 3.91
C GLU A 177 22.61 -4.17 5.27
N ALA A 178 22.32 -2.87 5.27
CA ALA A 178 22.06 -2.14 6.52
C ALA A 178 20.76 -2.60 7.21
N GLY A 179 19.72 -2.92 6.41
CA GLY A 179 18.43 -3.36 6.93
C GLY A 179 18.23 -4.86 7.09
N LYS A 180 19.30 -5.60 6.85
CA LYS A 180 19.35 -7.06 6.99
C LYS A 180 18.38 -7.68 8.01
N SER A 181 18.57 -7.38 9.30
CA SER A 181 17.80 -8.05 10.37
C SER A 181 16.30 -7.79 10.30
N ASP A 182 15.92 -6.60 9.82
CA ASP A 182 14.52 -6.27 9.54
C ASP A 182 13.94 -6.98 8.32
N LEU A 183 14.71 -7.02 7.23
CA LEU A 183 14.21 -7.60 6.00
C LEU A 183 14.08 -9.11 6.11
N GLU A 184 14.93 -9.68 6.97
CA GLU A 184 14.95 -11.12 7.17
C GLU A 184 14.26 -11.56 8.47
N LYS A 185 13.46 -10.68 9.05
CA LYS A 185 12.74 -11.00 10.28
C LYS A 185 11.67 -12.06 10.02
N GLN A 186 11.39 -12.83 11.06
CA GLN A 186 10.40 -13.90 11.03
C GLN A 186 9.46 -13.65 12.20
N GLU A 187 8.18 -13.37 11.92
CA GLU A 187 7.15 -13.18 12.95
C GLU A 187 6.07 -14.21 12.72
N LYS A 188 5.48 -14.70 13.80
CA LYS A 188 4.67 -15.90 13.74
C LYS A 188 3.19 -15.56 13.58
N PRO A 189 2.49 -16.28 12.67
CA PRO A 189 1.03 -16.14 12.60
C PRO A 189 0.36 -16.61 13.92
N VAL A 190 -0.75 -15.96 14.29
CA VAL A 190 -1.61 -16.46 15.35
C VAL A 190 -2.94 -16.53 14.65
N ALA A 191 -3.67 -17.62 14.84
CA ALA A 191 -4.88 -17.92 14.06
C ALA A 191 -6.10 -18.03 14.96
N TRP A 192 -7.27 -17.74 14.43
CA TRP A 192 -8.49 -18.04 15.17
C TRP A 192 -9.64 -18.24 14.23
N LEU A 193 -10.70 -18.88 14.72
CA LEU A 193 -11.86 -19.25 13.93
C LEU A 193 -13.09 -18.48 14.46
N SER A 194 -13.99 -18.14 13.54
CA SER A 194 -15.24 -17.46 13.85
C SER A 194 -16.17 -17.81 12.72
N SER A 195 -17.42 -17.35 12.79
CA SER A 195 -18.34 -17.50 11.67
C SER A 195 -19.17 -16.22 11.39
N VAL A 196 -19.64 -16.06 10.16
CA VAL A 196 -20.45 -14.93 9.77
C VAL A 196 -21.58 -15.43 8.87
N PRO A 197 -22.67 -14.64 8.71
CA PRO A 197 -23.74 -15.24 7.88
C PRO A 197 -23.26 -15.45 6.44
N SER A 198 -23.81 -16.47 5.80
CA SER A 198 -23.55 -16.72 4.39
C SER A 198 -24.58 -15.92 3.59
N SER A 199 -24.24 -15.61 2.34
CA SER A 199 -25.24 -15.10 1.40
C SER A 199 -26.16 -16.20 0.84
N ALA A 200 -25.77 -17.47 1.02
CA ALA A 200 -26.59 -18.63 0.63
C ALA A 200 -27.37 -19.20 1.82
N ASP A 201 -28.60 -19.62 1.57
CA ASP A 201 -29.44 -20.26 2.60
C ASP A 201 -28.91 -21.63 3.06
N GLY A 202 -29.41 -22.11 4.21
CA GLY A 202 -28.98 -23.38 4.80
C GLY A 202 -27.48 -23.45 5.09
N HIS A 203 -26.81 -22.30 4.96
CA HIS A 203 -25.36 -22.19 4.98
C HIS A 203 -24.86 -21.21 6.01
N ARG A 204 -23.63 -21.43 6.42
CA ARG A 204 -22.93 -20.53 7.29
C ARG A 204 -21.51 -20.40 6.75
N GLN A 205 -20.90 -19.22 6.89
CA GLN A 205 -19.53 -19.01 6.45
C GLN A 205 -18.54 -19.08 7.62
N LEU A 206 -17.64 -20.06 7.57
CA LEU A 206 -16.56 -20.20 8.56
C LEU A 206 -15.33 -19.41 8.09
N VAL A 207 -14.65 -18.79 9.05
CA VAL A 207 -13.58 -17.86 8.77
C VAL A 207 -12.40 -18.24 9.61
N CYS A 208 -11.29 -18.54 8.93
CA CYS A 208 -10.01 -18.75 9.58
C CYS A 208 -9.17 -17.46 9.44
N HIS A 209 -8.87 -16.80 10.56
CA HIS A 209 -8.07 -15.59 10.56
C HIS A 209 -6.63 -15.92 10.93
N VAL A 210 -5.68 -15.33 10.23
CA VAL A 210 -4.27 -15.63 10.41
C VAL A 210 -3.58 -14.28 10.48
N SER A 211 -2.96 -13.95 11.62
CA SER A 211 -2.51 -12.54 11.80
C SER A 211 -1.19 -12.39 12.52
N GLY A 212 -0.40 -11.42 12.08
CA GLY A 212 0.85 -11.11 12.73
C GLY A 212 2.04 -11.78 12.09
N PHE A 213 1.87 -12.39 10.92
CA PHE A 213 2.99 -13.09 10.30
C PHE A 213 3.84 -12.20 9.39
N TYR A 214 5.12 -12.57 9.30
CA TYR A 214 6.03 -11.94 8.38
C TYR A 214 7.18 -12.93 8.17
N PRO A 215 7.63 -13.09 6.92
CA PRO A 215 7.24 -12.43 5.66
C PRO A 215 5.91 -12.86 5.10
N LYS A 216 5.54 -12.29 3.95
CA LYS A 216 4.24 -12.54 3.34
C LYS A 216 3.87 -14.02 3.06
N PRO A 217 4.73 -14.78 2.35
CA PRO A 217 4.23 -16.09 1.91
C PRO A 217 3.69 -16.94 3.08
N VAL A 218 2.52 -17.54 2.87
CA VAL A 218 1.79 -18.29 3.90
C VAL A 218 0.83 -19.27 3.22
N TRP A 219 0.42 -20.30 3.94
CA TRP A 219 -0.46 -21.36 3.44
C TRP A 219 -1.51 -21.53 4.49
N VAL A 220 -2.77 -21.56 4.07
CA VAL A 220 -3.92 -21.63 4.96
C VAL A 220 -5.00 -22.42 4.23
N MET A 221 -5.47 -23.50 4.84
CA MET A 221 -6.51 -24.30 4.22
C MET A 221 -7.43 -24.87 5.26
N TRP A 222 -8.72 -24.88 4.94
CA TRP A 222 -9.65 -25.68 5.67
C TRP A 222 -9.48 -27.11 5.27
N MET A 223 -9.60 -27.99 6.26
CA MET A 223 -9.32 -29.42 6.13
C MET A 223 -10.41 -30.27 6.81
N ARG A 224 -10.66 -31.44 6.24
CA ARG A 224 -11.39 -32.50 6.91
C ARG A 224 -10.44 -33.68 6.93
N GLY A 225 -9.79 -33.90 8.08
CA GLY A 225 -8.68 -34.87 8.19
C GLY A 225 -7.51 -34.48 7.29
N ASP A 226 -7.10 -35.41 6.42
CA ASP A 226 -6.08 -35.15 5.41
C ASP A 226 -6.62 -34.44 4.14
N GLN A 227 -7.92 -34.28 4.03
CA GLN A 227 -8.50 -33.81 2.78
C GLN A 227 -8.61 -32.31 2.81
N GLU A 228 -7.94 -31.67 1.86
CA GLU A 228 -8.09 -30.23 1.65
C GLU A 228 -9.52 -29.92 1.18
N GLN A 229 -10.13 -28.89 1.75
CA GLN A 229 -11.46 -28.46 1.34
C GLN A 229 -11.32 -27.41 0.22
N GLN A 230 -11.74 -27.81 -0.98
CA GLN A 230 -11.55 -27.00 -2.16
C GLN A 230 -12.47 -25.78 -2.17
N GLY A 231 -13.45 -25.76 -1.26
CA GLY A 231 -14.25 -24.55 -1.04
C GLY A 231 -13.50 -23.39 -0.37
N THR A 232 -12.31 -23.64 0.18
CA THR A 232 -11.49 -22.63 0.86
C THR A 232 -11.27 -21.40 -0.04
N HIS A 233 -11.67 -20.24 0.47
CA HIS A 233 -11.56 -18.99 -0.28
C HIS A 233 -10.63 -18.07 0.44
N ARG A 234 -9.38 -17.98 -0.01
CA ARG A 234 -8.38 -17.05 0.59
C ARG A 234 -8.68 -15.62 0.17
N GLY A 235 -8.75 -14.70 1.14
CA GLY A 235 -8.88 -13.27 0.82
C GLY A 235 -7.52 -12.71 0.49
N ASP A 236 -7.40 -11.39 0.39
CA ASP A 236 -6.11 -10.75 0.09
C ASP A 236 -5.25 -10.62 1.32
N PHE A 237 -3.97 -10.32 1.10
CA PHE A 237 -3.10 -9.94 2.21
C PHE A 237 -3.47 -8.53 2.66
N LEU A 238 -3.73 -8.36 3.96
CA LEU A 238 -4.12 -7.10 4.55
C LEU A 238 -3.07 -6.70 5.60
N PRO A 239 -2.59 -5.43 5.55
CA PRO A 239 -1.53 -5.05 6.47
C PRO A 239 -2.03 -4.84 7.88
N ASN A 240 -1.24 -5.29 8.84
CA ASN A 240 -1.41 -4.84 10.20
C ASN A 240 -0.62 -3.53 10.32
N ALA A 241 -0.90 -2.75 11.36
CA ALA A 241 -0.20 -1.50 11.58
C ALA A 241 1.27 -1.65 12.08
N ASP A 242 1.68 -2.88 12.44
CA ASP A 242 3.01 -3.14 12.99
C ASP A 242 3.92 -3.91 12.01
N GLU A 243 3.77 -3.63 10.72
CA GLU A 243 4.56 -4.32 9.68
C GLU A 243 4.50 -5.87 9.86
N THR A 244 3.28 -6.35 10.07
CA THR A 244 3.00 -7.76 9.94
C THR A 244 1.77 -7.85 9.08
N TRP A 245 1.45 -9.08 8.71
CA TRP A 245 0.41 -9.33 7.74
C TRP A 245 -0.78 -9.99 8.36
N TYR A 246 -1.93 -9.83 7.70
CA TYR A 246 -3.18 -10.46 8.08
C TYR A 246 -3.78 -11.08 6.81
N LEU A 247 -4.37 -12.27 6.97
CA LEU A 247 -5.07 -12.94 5.86
C LEU A 247 -6.17 -13.80 6.48
N GLN A 248 -7.34 -13.86 5.84
CA GLN A 248 -8.34 -14.84 6.24
C GLN A 248 -8.71 -15.83 5.12
N ALA A 249 -9.14 -17.02 5.49
CA ALA A 249 -9.60 -18.01 4.52
C ALA A 249 -10.99 -18.46 4.97
N THR A 250 -11.95 -18.42 4.04
CA THR A 250 -13.34 -18.70 4.39
C THR A 250 -13.84 -20.00 3.75
N LEU A 251 -14.89 -20.57 4.34
CA LEU A 251 -15.47 -21.80 3.86
C LEU A 251 -16.94 -21.76 4.17
N ASP A 252 -17.75 -21.71 3.12
CA ASP A 252 -19.17 -21.74 3.26
C ASP A 252 -19.62 -23.18 3.46
N VAL A 253 -20.29 -23.44 4.57
CA VAL A 253 -20.68 -24.81 4.90
C VAL A 253 -22.15 -24.91 5.17
N GLU A 254 -22.73 -26.01 4.72
CA GLU A 254 -24.10 -26.36 5.08
C GLU A 254 -24.14 -26.71 6.56
N ALA A 255 -25.24 -26.39 7.22
CA ALA A 255 -25.49 -26.78 8.61
C ALA A 255 -25.31 -28.30 8.78
N GLY A 256 -24.35 -28.71 9.61
CA GLY A 256 -24.14 -30.14 9.85
C GLY A 256 -22.95 -30.76 9.12
N GLU A 257 -22.46 -30.07 8.11
CA GLU A 257 -21.14 -30.37 7.58
C GLU A 257 -20.08 -29.63 8.41
N GLU A 258 -20.53 -28.89 9.43
CA GLU A 258 -19.60 -28.07 10.21
C GLU A 258 -18.66 -28.98 11.02
N ALA A 259 -19.20 -30.09 11.56
CA ALA A 259 -18.46 -31.03 12.39
C ALA A 259 -17.24 -31.67 11.69
N GLY A 260 -16.07 -31.60 12.34
CA GLY A 260 -14.83 -32.21 11.83
C GLY A 260 -13.97 -31.34 10.94
N LEU A 261 -14.37 -30.10 10.72
CA LEU A 261 -13.55 -29.15 9.96
C LEU A 261 -12.41 -28.62 10.83
N ALA A 262 -11.24 -28.48 10.21
CA ALA A 262 -10.08 -27.82 10.82
C ALA A 262 -9.50 -26.80 9.87
N CYS A 263 -8.77 -25.83 10.41
CA CYS A 263 -8.02 -24.90 9.59
C CYS A 263 -6.56 -25.08 9.88
N ARG A 264 -5.78 -25.32 8.85
CA ARG A 264 -4.36 -25.57 8.99
C ARG A 264 -3.52 -24.43 8.37
N VAL A 265 -2.46 -24.01 9.07
CA VAL A 265 -1.67 -22.85 8.67
C VAL A 265 -0.21 -23.24 8.62
N LYS A 266 0.44 -22.98 7.49
CA LYS A 266 1.89 -23.19 7.38
C LYS A 266 2.58 -21.86 7.17
N HIS A 267 3.75 -21.71 7.81
CA HIS A 267 4.54 -20.48 7.70
C HIS A 267 5.96 -20.72 8.10
N SER A 268 6.87 -20.06 7.38
CA SER A 268 8.30 -20.26 7.51
C SER A 268 8.78 -20.01 8.94
N SER A 269 8.08 -19.14 9.67
CA SER A 269 8.45 -18.81 11.06
C SER A 269 8.16 -19.93 12.06
N LEU A 270 7.33 -20.89 11.68
CA LEU A 270 6.91 -21.97 12.57
C LEU A 270 7.88 -23.15 12.54
N GLY A 271 8.79 -23.13 11.57
CA GLY A 271 9.83 -24.16 11.42
C GLY A 271 9.31 -25.59 11.33
N GLY A 272 8.26 -25.79 10.54
CA GLY A 272 7.68 -27.14 10.35
C GLY A 272 6.45 -27.45 11.23
N GLN A 273 6.24 -26.64 12.27
CA GLN A 273 5.20 -26.87 13.28
C GLN A 273 3.91 -26.09 12.90
N ASP A 274 3.14 -26.67 12.00
CA ASP A 274 1.90 -26.07 11.52
C ASP A 274 0.93 -25.70 12.65
N ILE A 275 0.17 -24.62 12.51
CA ILE A 275 -0.96 -24.40 13.42
C ILE A 275 -2.19 -25.13 12.85
N ILE A 276 -2.89 -25.87 13.71
CA ILE A 276 -4.14 -26.56 13.33
C ILE A 276 -5.23 -26.24 14.35
N LEU A 277 -6.28 -25.53 13.93
CA LEU A 277 -7.43 -25.30 14.80
C LEU A 277 -8.63 -26.11 14.35
N TYR A 278 -9.45 -26.57 15.28
CA TYR A 278 -10.63 -27.36 14.99
C TYR A 278 -11.89 -26.57 15.30
N TRP A 279 -12.84 -26.62 14.37
CA TRP A 279 -14.11 -25.90 14.54
C TRP A 279 -14.98 -26.61 15.56
N GLN B 2 -12.29 8.13 -11.82
CA GLN B 2 -12.80 7.87 -10.43
C GLN B 2 -12.94 6.39 -10.11
N LYS B 3 -12.48 6.02 -8.92
CA LYS B 3 -12.58 4.65 -8.43
C LYS B 3 -13.13 4.61 -7.00
N THR B 4 -14.11 3.74 -6.79
CA THR B 4 -14.81 3.62 -5.51
C THR B 4 -13.98 2.81 -4.50
N PRO B 5 -13.82 3.32 -3.26
CA PRO B 5 -13.05 2.59 -2.27
C PRO B 5 -13.70 1.29 -1.80
N GLN B 6 -12.85 0.27 -1.61
CA GLN B 6 -13.21 -0.92 -0.88
C GLN B 6 -12.68 -0.77 0.54
N ILE B 7 -13.44 -1.28 1.51
CA ILE B 7 -13.17 -1.15 2.93
C ILE B 7 -13.18 -2.53 3.57
N GLN B 8 -12.12 -2.87 4.30
CA GLN B 8 -12.12 -4.13 5.03
C GLN B 8 -11.79 -3.85 6.50
N VAL B 9 -12.52 -4.49 7.41
CA VAL B 9 -12.34 -4.24 8.86
C VAL B 9 -11.98 -5.54 9.55
N TYR B 10 -10.92 -5.52 10.37
CA TYR B 10 -10.40 -6.77 10.94
C TYR B 10 -9.60 -6.44 12.20
N SER B 11 -9.52 -7.38 13.15
CA SER B 11 -8.76 -7.11 14.39
C SER B 11 -7.34 -7.65 14.27
N ARG B 12 -6.42 -7.05 15.02
CA ARG B 12 -5.00 -7.47 14.99
C ARG B 12 -4.77 -8.82 15.65
N HIS B 13 -5.49 -9.05 16.76
CA HIS B 13 -5.36 -10.23 17.60
C HIS B 13 -6.69 -10.95 17.66
N PRO B 14 -6.70 -12.24 18.06
CA PRO B 14 -8.00 -12.88 18.34
C PRO B 14 -8.80 -12.05 19.36
N PRO B 15 -10.05 -11.69 19.04
CA PRO B 15 -10.90 -10.92 19.94
C PRO B 15 -11.25 -11.71 21.18
N GLU B 16 -11.00 -11.11 22.34
CA GLU B 16 -11.50 -11.61 23.62
C GLU B 16 -12.16 -10.45 24.34
N ASN B 17 -13.38 -10.66 24.79
CA ASN B 17 -14.12 -9.64 25.52
C ASN B 17 -13.37 -9.14 26.74
N GLY B 18 -13.30 -7.82 26.88
CA GLY B 18 -12.58 -7.22 27.99
C GLY B 18 -11.08 -7.12 27.78
N LYS B 19 -10.56 -7.62 26.67
CA LYS B 19 -9.12 -7.51 26.44
C LYS B 19 -8.75 -6.55 25.30
N PRO B 20 -7.81 -5.62 25.57
CA PRO B 20 -7.25 -4.64 24.64
C PRO B 20 -6.74 -5.27 23.36
N ASN B 21 -7.06 -4.65 22.24
CA ASN B 21 -6.79 -5.18 20.94
C ASN B 21 -6.59 -3.98 20.01
N ILE B 22 -6.38 -4.25 18.72
CA ILE B 22 -6.34 -3.18 17.74
C ILE B 22 -7.27 -3.50 16.60
N LEU B 23 -8.08 -2.52 16.21
CA LEU B 23 -8.98 -2.65 15.05
C LEU B 23 -8.42 -1.89 13.85
N ASN B 24 -8.42 -2.55 12.69
CA ASN B 24 -7.83 -2.04 11.47
C ASN B 24 -8.93 -1.78 10.47
N CYS B 25 -8.79 -0.69 9.73
CA CYS B 25 -9.69 -0.43 8.63
C CYS B 25 -8.83 -0.12 7.40
N TYR B 26 -8.85 -1.07 6.46
CA TYR B 26 -7.99 -1.02 5.28
C TYR B 26 -8.84 -0.62 4.10
N VAL B 27 -8.52 0.55 3.57
CA VAL B 27 -9.27 1.18 2.48
C VAL B 27 -8.41 1.20 1.22
N THR B 28 -8.92 0.56 0.16
CA THR B 28 -8.15 0.34 -1.07
C THR B 28 -8.91 0.76 -2.33
N GLN B 29 -8.24 0.68 -3.48
CA GLN B 29 -8.90 0.74 -4.81
C GLN B 29 -9.60 2.08 -5.11
N PHE B 30 -9.13 3.16 -4.51
CA PHE B 30 -9.84 4.43 -4.68
C PHE B 30 -9.02 5.45 -5.46
N HIS B 31 -9.72 6.44 -6.02
CA HIS B 31 -9.14 7.52 -6.79
C HIS B 31 -10.23 8.54 -7.02
N PRO B 32 -9.97 9.85 -6.76
CA PRO B 32 -8.67 10.45 -6.38
C PRO B 32 -8.30 10.19 -4.92
N PRO B 33 -7.08 10.64 -4.49
CA PRO B 33 -6.56 10.19 -3.20
C PRO B 33 -7.21 10.86 -1.98
N HIS B 34 -7.95 11.93 -2.19
CA HIS B 34 -8.60 12.69 -1.12
C HIS B 34 -9.77 11.92 -0.59
N ILE B 35 -9.72 11.65 0.72
CA ILE B 35 -10.64 10.69 1.34
C ILE B 35 -10.83 10.97 2.83
N GLU B 36 -11.97 10.59 3.37
CA GLU B 36 -12.18 10.76 4.80
C GLU B 36 -12.57 9.44 5.44
N ILE B 37 -11.79 9.03 6.43
CA ILE B 37 -12.00 7.77 7.10
C ILE B 37 -12.34 8.01 8.59
N GLN B 38 -13.44 7.44 9.04
CA GLN B 38 -13.82 7.49 10.45
C GLN B 38 -14.03 6.09 10.98
N MET B 39 -13.58 5.85 12.19
CA MET B 39 -13.90 4.59 12.82
C MET B 39 -14.93 4.85 13.91
N LEU B 40 -15.92 3.98 14.00
CA LEU B 40 -17.07 4.22 14.88
C LEU B 40 -17.21 3.15 15.94
N LYS B 41 -17.60 3.59 17.13
CA LYS B 41 -17.92 2.71 18.24
C LYS B 41 -19.37 2.99 18.59
N ASN B 42 -20.23 1.99 18.43
CA ASN B 42 -21.67 2.16 18.58
C ASN B 42 -22.21 3.41 17.84
N GLY B 43 -21.67 3.67 16.65
CA GLY B 43 -22.13 4.79 15.82
C GLY B 43 -21.51 6.16 16.13
N LYS B 44 -20.71 6.25 17.19
CA LYS B 44 -19.97 7.46 17.56
C LYS B 44 -18.54 7.36 17.10
N LYS B 45 -18.05 8.46 16.55
CA LYS B 45 -16.69 8.58 16.07
C LYS B 45 -15.64 8.29 17.19
N ILE B 46 -14.70 7.39 16.90
CA ILE B 46 -13.60 7.13 17.82
C ILE B 46 -12.54 8.22 17.58
N PRO B 47 -12.15 8.95 18.65
CA PRO B 47 -11.30 10.14 18.49
C PRO B 47 -9.78 9.94 18.20
N LYS B 48 -9.18 8.79 18.52
CA LYS B 48 -7.71 8.74 18.43
C LYS B 48 -7.11 7.97 17.24
N VAL B 49 -7.92 7.70 16.23
CA VAL B 49 -7.53 6.89 15.07
C VAL B 49 -6.19 7.27 14.37
N GLU B 50 -5.30 6.28 14.22
CA GLU B 50 -4.01 6.50 13.57
C GLU B 50 -4.09 6.06 12.11
N MET B 51 -3.37 6.77 11.25
CA MET B 51 -3.47 6.64 9.81
C MET B 51 -2.07 6.31 9.27
N SER B 52 -1.94 5.30 8.39
CA SER B 52 -0.67 5.12 7.68
C SER B 52 -0.55 6.25 6.66
N ASP B 53 0.66 6.43 6.12
CA ASP B 53 0.85 7.30 4.96
C ASP B 53 0.04 6.76 3.78
N MET B 54 -0.48 7.68 2.97
CA MET B 54 -1.17 7.32 1.74
C MET B 54 -0.16 6.66 0.81
N SER B 55 -0.53 5.55 0.23
CA SER B 55 0.31 4.89 -0.76
C SER B 55 -0.51 4.46 -1.99
N PHE B 56 0.14 3.87 -2.99
CA PHE B 56 -0.61 3.29 -4.10
C PHE B 56 0.00 1.98 -4.65
N SER B 57 -0.78 1.24 -5.42
CA SER B 57 -0.40 -0.10 -5.89
C SER B 57 0.19 -0.07 -7.29
N LYS B 58 0.64 -1.23 -7.75
CA LYS B 58 1.03 -1.40 -9.16
C LYS B 58 0.00 -0.81 -10.11
N ASP B 59 -1.27 -0.99 -9.80
CA ASP B 59 -2.37 -0.59 -10.69
C ASP B 59 -2.76 0.90 -10.59
N TRP B 60 -2.01 1.66 -9.78
CA TRP B 60 -2.20 3.14 -9.58
C TRP B 60 -3.25 3.56 -8.57
N SER B 61 -4.08 2.62 -8.13
CA SER B 61 -5.10 2.94 -7.16
C SER B 61 -4.49 3.11 -5.76
N PHE B 62 -5.11 3.97 -4.96
CA PHE B 62 -4.60 4.28 -3.61
C PHE B 62 -5.06 3.30 -2.53
N TYR B 63 -4.24 3.19 -1.47
CA TYR B 63 -4.63 2.50 -0.25
C TYR B 63 -4.03 3.20 0.94
N ILE B 64 -4.64 2.99 2.11
CA ILE B 64 -4.29 3.64 3.36
C ILE B 64 -4.89 2.78 4.47
N LEU B 65 -4.15 2.61 5.57
CA LEU B 65 -4.61 1.84 6.72
C LEU B 65 -4.94 2.76 7.88
N ALA B 66 -6.16 2.62 8.42
CA ALA B 66 -6.52 3.26 9.68
C ALA B 66 -6.56 2.22 10.81
N HIS B 67 -6.15 2.62 12.01
CA HIS B 67 -6.24 1.69 13.14
C HIS B 67 -6.46 2.41 14.44
N THR B 68 -7.12 1.72 15.36
CA THR B 68 -7.36 2.26 16.68
C THR B 68 -7.24 1.15 17.75
N GLU B 69 -6.75 1.52 18.92
CA GLU B 69 -6.94 0.68 20.11
C GLU B 69 -8.43 0.49 20.37
N PHE B 70 -8.81 -0.74 20.69
CA PHE B 70 -10.15 -0.99 21.21
C PHE B 70 -10.12 -2.18 22.15
N THR B 71 -11.12 -2.26 23.01
CA THR B 71 -11.31 -3.45 23.80
C THR B 71 -12.74 -3.92 23.64
N PRO B 72 -12.93 -4.96 22.80
CA PRO B 72 -14.25 -5.43 22.41
C PRO B 72 -14.99 -6.02 23.60
N THR B 73 -16.30 -5.83 23.64
CA THR B 73 -17.15 -6.44 24.64
C THR B 73 -18.20 -7.23 23.87
N GLU B 74 -19.19 -7.76 24.59
CA GLU B 74 -20.29 -8.50 24.00
C GLU B 74 -21.24 -7.57 23.26
N THR B 75 -21.38 -6.36 23.78
CA THR B 75 -22.47 -5.48 23.36
C THR B 75 -22.00 -4.31 22.50
N ASP B 76 -20.72 -4.25 22.17
CA ASP B 76 -20.23 -3.12 21.38
C ASP B 76 -20.19 -3.46 19.88
N THR B 77 -20.67 -2.53 19.06
CA THR B 77 -20.53 -2.62 17.60
C THR B 77 -19.45 -1.64 17.11
N TYR B 78 -18.66 -2.07 16.13
CA TYR B 78 -17.61 -1.23 15.59
C TYR B 78 -17.75 -1.16 14.10
N ALA B 79 -17.41 -0.01 13.54
CA ALA B 79 -17.49 0.20 12.10
C ALA B 79 -16.37 1.10 11.58
N CYS B 80 -16.23 1.11 10.26
CA CYS B 80 -15.40 2.05 9.56
C CYS B 80 -16.28 2.70 8.49
N ARG B 81 -16.29 4.02 8.44
CA ARG B 81 -17.15 4.78 7.54
C ARG B 81 -16.26 5.64 6.66
N VAL B 82 -16.54 5.64 5.37
CA VAL B 82 -15.70 6.36 4.43
C VAL B 82 -16.49 7.34 3.57
N LYS B 83 -15.94 8.55 3.43
CA LYS B 83 -16.49 9.55 2.55
C LYS B 83 -15.53 9.77 1.38
N HIS B 84 -16.03 9.66 0.17
CA HIS B 84 -15.20 9.82 -1.01
C HIS B 84 -16.05 10.29 -2.13
N ALA B 85 -15.44 11.05 -3.05
CA ALA B 85 -16.17 11.74 -4.14
C ALA B 85 -16.85 10.79 -5.14
N SER B 86 -16.36 9.56 -5.19
CA SER B 86 -16.98 8.50 -6.00
C SER B 86 -18.34 8.00 -5.47
N MET B 87 -18.69 8.35 -4.25
CA MET B 87 -19.95 7.89 -3.70
C MET B 87 -20.77 9.07 -3.24
N ALA B 88 -22.03 9.11 -3.66
CA ALA B 88 -22.97 10.11 -3.16
C ALA B 88 -23.14 9.94 -1.64
N GLU B 89 -22.99 8.71 -1.17
CA GLU B 89 -23.28 8.35 0.20
C GLU B 89 -22.05 7.76 0.90
N PRO B 90 -21.80 8.14 2.17
CA PRO B 90 -20.74 7.49 2.92
C PRO B 90 -20.98 5.98 3.01
N LYS B 91 -19.92 5.21 2.77
CA LYS B 91 -19.97 3.77 2.88
C LYS B 91 -19.51 3.36 4.29
N THR B 92 -20.30 2.52 4.94
CA THR B 92 -19.99 2.01 6.28
C THR B 92 -19.82 0.49 6.22
N VAL B 93 -18.69 -0.02 6.74
CA VAL B 93 -18.47 -1.45 6.87
C VAL B 93 -18.30 -1.79 8.35
N TYR B 94 -19.12 -2.74 8.84
CA TYR B 94 -19.11 -3.17 10.24
C TYR B 94 -18.09 -4.27 10.47
N TRP B 95 -17.46 -4.26 11.64
CA TRP B 95 -16.63 -5.39 12.09
C TRP B 95 -17.54 -6.56 12.43
N ASP B 96 -17.12 -7.77 12.04
CA ASP B 96 -18.02 -8.93 12.10
C ASP B 96 -18.22 -9.63 13.45
#